data_2MWZ
#
_entry.id   2MWZ
#
_entity_poly.entity_id   1
_entity_poly.type   'polydeoxyribonucleotide'
_entity_poly.pdbx_seq_one_letter_code
;(DT)(DT)(DG)(DG)(DG)(DT)(DT)(DA)(8OG)(DG)(DG)(DT)(DT)(DA)(DG)(DG)(3ZO)(DT)(DT)
(DA)(DG)(DG)(DG)(DA)
;
_entity_poly.pdbx_strand_id   A
#
loop_
_chem_comp.id
_chem_comp.type
_chem_comp.name
_chem_comp.formula
3ZO DNA linking 2'-DEOXY-XANTHOSINE-5'-MONOPHOSPHATE 'C10 H13 N4 O8 P'
8OG DNA linking 8-OXO-2'-DEOXY-GUANOSINE-5'-MONOPHOSPHATE 'C10 H14 N5 O8 P'
DA DNA linking 2'-DEOXYADENOSINE-5'-MONOPHOSPHATE 'C10 H14 N5 O6 P'
DG DNA linking 2'-DEOXYGUANOSINE-5'-MONOPHOSPHATE 'C10 H14 N5 O7 P'
DT DNA linking THYMIDINE-5'-MONOPHOSPHATE 'C10 H15 N2 O8 P'
#
# COMPACT_ATOMS: atom_id res chain seq x y z
P 8OG A 9 -0.58 9.58 4.08
OP1 8OG A 9 -1.44 8.66 4.87
OP2 8OG A 9 0.14 10.67 4.77
O5' 8OG A 9 0.50 8.69 3.27
C5' 8OG A 9 0.16 7.40 2.78
C4' 8OG A 9 1.38 6.62 2.32
O4' 8OG A 9 1.03 5.25 2.10
C3' 8OG A 9 2.02 7.13 1.00
O3' 8OG A 9 3.44 7.22 1.16
C2' 8OG A 9 1.68 6.04 -0.01
C1' 8OG A 9 1.66 4.83 0.89
N9 8OG A 9 0.93 3.66 0.36
C8 8OG A 9 1.40 2.40 0.12
N7 8OG A 9 0.50 1.60 -0.32
C5 8OG A 9 -0.67 2.35 -0.38
C6 8OG A 9 -1.98 1.98 -0.81
O6 8OG A 9 -2.38 0.88 -1.17
N1 8OG A 9 -2.85 3.06 -0.73
C2 8OG A 9 -2.51 4.32 -0.31
N2 8OG A 9 -3.48 5.22 -0.33
N3 8OG A 9 -1.28 4.67 0.09
C4 8OG A 9 -0.42 3.64 0.03
O8 8OG A 9 2.56 2.08 0.32
H5' 8OG A 9 -0.54 7.51 1.94
H5'' 8OG A 9 -0.34 6.83 3.57
H4' 8OG A 9 2.14 6.65 3.09
H3' 8OG A 9 1.59 8.08 0.70
H2' 8OG A 9 0.68 6.21 -0.41
H2'' 8OG A 9 2.31 5.58 -0.76
H1' 8OG A 9 2.70 4.53 1.12
H7 8OG A 9 0.63 0.56 -0.60
H1 8OG A 9 -3.81 2.87 -1.00
H21 8OG A 9 -4.40 4.96 -0.63
H22 8OG A 9 -3.29 6.17 -0.03
P 3ZO A 17 -0.43 -10.63 -2.56
C5' 3ZO A 17 1.66 -9.25 -1.72
O5' 3ZO A 17 0.30 -9.63 -1.53
C4' 3ZO A 17 2.00 -7.97 -0.98
O4' 3ZO A 17 1.21 -6.89 -1.48
C3' 3ZO A 17 1.75 -8.04 0.53
O3' 3ZO A 17 2.86 -7.49 1.23
C2' 3ZO A 17 0.53 -7.16 0.74
C1' 3ZO A 17 0.70 -6.16 -0.38
N1 3ZO A 17 -1.54 -1.69 -0.92
C2 3ZO A 17 -0.29 -2.01 -0.46
O2 3ZO A 17 0.42 -1.08 -0.14
N3 3ZO A 17 0.17 -3.25 -0.38
C4 3ZO A 17 -0.73 -4.16 -0.79
C5 3ZO A 17 -2.00 -3.93 -1.26
C6 3ZO A 17 -2.48 -2.60 -1.35
O6 3ZO A 17 -3.57 -2.20 -1.75
N7 3ZO A 17 -2.62 -5.14 -1.58
C8 3ZO A 17 -1.71 -6.04 -1.29
N9 3ZO A 17 -0.55 -5.50 -0.81
OP1 3ZO A 17 0.31 -11.92 -2.55
OP2 3ZO A 17 -1.88 -10.62 -2.29
H5'' 3ZO A 17 2.31 -10.06 -1.38
H5' 3ZO A 17 1.83 -9.10 -2.79
H4' 3ZO A 17 3.05 -7.75 -1.15
H3' 3ZO A 17 1.55 -9.07 0.85
H2' 3ZO A 17 -0.38 -7.75 0.58
H2'' 3ZO A 17 0.48 -6.68 1.72
H1' 3ZO A 17 1.43 -5.42 -0.08
H1 3ZO A 17 -1.81 -0.73 -0.95
H8 3ZO A 17 -1.85 -7.11 -1.44
P 8OG A 9 -1.75 9.50 3.14
OP1 8OG A 9 -2.83 8.51 3.40
OP2 8OG A 9 -1.35 10.43 4.21
O5' 8OG A 9 -0.44 8.70 2.64
C5' 8OG A 9 -0.52 7.31 2.29
C4' 8OG A 9 0.80 6.57 2.53
O4' 8OG A 9 0.59 5.16 2.48
C3' 8OG A 9 1.90 6.88 1.51
O3' 8OG A 9 3.18 6.77 2.14
C2' 8OG A 9 1.70 5.75 0.50
C1' 8OG A 9 1.40 4.62 1.43
N9 8OG A 9 0.68 3.49 0.81
C8 8OG A 9 1.12 2.20 0.65
N7 8OG A 9 0.26 1.43 0.07
C5 8OG A 9 -0.83 2.25 -0.19
C6 8OG A 9 -2.08 1.94 -0.82
O6 8OG A 9 -2.46 0.87 -1.29
N1 8OG A 9 -2.89 3.05 -0.89
C2 8OG A 9 -2.57 4.31 -0.40
N2 8OG A 9 -3.48 5.25 -0.56
N3 8OG A 9 -1.41 4.59 0.18
C4 8OG A 9 -0.59 3.52 0.26
O8 8OG A 9 2.22 1.80 1.02
H5' 8OG A 9 -0.78 7.22 1.23
H5'' 8OG A 9 -1.30 6.84 2.88
H4' 8OG A 9 1.17 6.83 3.53
H3' 8OG A 9 1.75 7.84 1.03
H2' 8OG A 9 0.82 5.97 -0.11
H2'' 8OG A 9 2.51 5.36 -0.12
H1' 8OG A 9 2.35 4.26 1.86
H7 8OG A 9 0.35 0.37 -0.15
H1 8OG A 9 -3.80 2.92 -1.30
H21 8OG A 9 -4.36 5.03 -1.01
H22 8OG A 9 -3.30 6.18 -0.23
P 3ZO A 17 -0.24 -10.63 -2.67
C5' 3ZO A 17 1.73 -9.15 -1.70
O5' 3ZO A 17 0.37 -9.57 -1.61
C4' 3ZO A 17 1.98 -7.85 -0.92
O4' 3ZO A 17 1.16 -6.80 -1.45
C3' 3ZO A 17 1.65 -7.96 0.59
O3' 3ZO A 17 2.71 -7.35 1.35
C2' 3ZO A 17 0.39 -7.13 0.74
C1' 3ZO A 17 0.59 -6.10 -0.35
N1 3ZO A 17 -1.49 -1.63 -1.53
C2 3ZO A 17 -0.21 -1.94 -1.16
O2 3ZO A 17 0.58 -1.01 -1.10
N3 3ZO A 17 0.21 -3.17 -0.89
C4 3ZO A 17 -0.77 -4.08 -1.02
C5 3ZO A 17 -2.07 -3.88 -1.39
C6 3ZO A 17 -2.51 -2.55 -1.67
O6 3ZO A 17 -3.63 -2.17 -2.00
N7 3ZO A 17 -2.77 -5.07 -1.43
C8 3ZO A 17 -1.88 -5.96 -1.07
N9 3ZO A 17 -0.64 -5.43 -0.82
OP1 3ZO A 17 0.70 -11.78 -2.75
OP2 3ZO A 17 -1.66 -10.87 -2.33
H5'' 3ZO A 17 2.38 -9.93 -1.30
H5' 3ZO A 17 1.98 -8.97 -2.74
H4' 3ZO A 17 3.02 -7.57 -1.02
H3' 3ZO A 17 1.49 -9.00 0.88
H2' 3ZO A 17 -0.48 -7.74 0.50
H2'' 3ZO A 17 0.29 -6.70 1.74
H1' 3ZO A 17 1.30 -5.34 0.00
H1 3ZO A 17 -1.72 -0.67 -1.71
H8 3ZO A 17 -2.08 -7.03 -1.02
P 8OG A 9 1.09 10.52 2.58
OP1 8OG A 9 1.64 11.15 3.80
OP2 8OG A 9 2.01 10.14 1.48
O5' 8OG A 9 0.25 9.21 3.03
C5' 8OG A 9 -0.09 8.17 2.10
C4' 8OG A 9 1.12 7.28 1.75
O4' 8OG A 9 0.70 5.91 1.68
C3' 8OG A 9 1.78 7.62 0.41
O3' 8OG A 9 3.21 7.70 0.59
C2' 8OG A 9 1.45 6.42 -0.47
C1' 8OG A 9 1.39 5.34 0.58
N9 8OG A 9 0.70 4.10 0.18
C8 8OG A 9 1.24 2.85 0.04
N7 8OG A 9 0.38 1.96 -0.32
C5 8OG A 9 -0.83 2.63 -0.43
C6 8OG A 9 -2.12 2.15 -0.78
O6 8OG A 9 -2.45 1.00 -1.07
N1 8OG A 9 -3.06 3.17 -0.77
C2 8OG A 9 -2.78 4.49 -0.46
N2 8OG A 9 -3.82 5.32 -0.50
N3 8OG A 9 -1.58 4.94 -0.11
C4 8OG A 9 -0.64 3.96 -0.12
O8 8OG A 9 2.42 2.61 0.23
H5' 8OG A 9 -0.48 8.60 1.18
H5'' 8OG A 9 -0.87 7.53 2.54
H4' 8OG A 9 1.85 7.37 2.54
H3' 8OG A 9 1.38 8.53 -0.01
H2' 8OG A 9 0.46 6.55 -0.90
H2'' 8OG A 9 2.09 5.84 -1.14
H1' 8OG A 9 2.41 5.09 0.89
H7 8OG A 9 0.57 0.92 -0.51
H1 8OG A 9 -4.00 2.92 -1.00
H21 8OG A 9 -4.74 4.98 -0.74
H22 8OG A 9 -3.69 6.29 -0.28
P 3ZO A 17 0.35 -10.42 -2.66
C5' 3ZO A 17 2.33 -8.72 -2.18
O5' 3ZO A 17 1.01 -9.19 -1.85
C4' 3ZO A 17 2.69 -7.43 -1.43
O4' 3ZO A 17 1.75 -6.40 -1.77
C3' 3ZO A 17 2.66 -7.57 0.10
O3' 3ZO A 17 3.78 -6.86 0.66
C2' 3ZO A 17 1.37 -6.86 0.50
C1' 3ZO A 17 1.32 -5.78 -0.57
N1 3ZO A 17 -1.35 -1.50 -0.83
C2 3ZO A 17 -0.04 -1.71 -0.51
O2 3ZO A 17 0.63 -0.72 -0.26
N3 3ZO A 17 0.53 -2.91 -0.47
C4 3ZO A 17 -0.33 -3.89 -0.77
C5 3ZO A 17 -1.66 -3.78 -1.10
C6 3ZO A 17 -2.26 -2.49 -1.15
O6 3ZO A 17 -3.42 -2.18 -1.43
N7 3ZO A 17 -2.20 -5.04 -1.34
C8 3ZO A 17 -1.19 -5.84 -1.15
N9 3ZO A 17 -0.03 -5.21 -0.81
OP1 3ZO A 17 1.41 -11.44 -2.88
OP2 3ZO A 17 -0.90 -10.82 -1.97
H5'' 3ZO A 17 3.05 -9.49 -1.92
H5' 3ZO A 17 2.38 -8.52 -3.25
H4' 3ZO A 17 3.68 -7.12 -1.73
H3' 3ZO A 17 2.65 -8.61 0.42
H2' 3ZO A 17 0.53 -7.55 0.37
H2'' 3ZO A 17 1.37 -6.44 1.51
H1' 3ZO A 17 2.00 -4.98 -0.30
H1 3ZO A 17 -1.71 -0.55 -0.85
H8 3ZO A 17 -1.26 -6.93 -1.28
P 8OG A 9 0.14 9.91 3.73
OP1 8OG A 9 -0.77 9.31 4.74
OP2 8OG A 9 1.57 10.12 4.06
O5' 8OG A 9 0.06 9.02 2.39
C5' 8OG A 9 -0.16 7.61 2.46
C4' 8OG A 9 1.13 6.83 2.22
O4' 8OG A 9 0.84 5.42 2.15
C3' 8OG A 9 1.86 7.19 0.92
O3' 8OG A 9 3.27 7.28 1.16
C2' 8OG A 9 1.58 6.00 0.01
C1' 8OG A 9 1.51 4.88 1.03
N9 8OG A 9 0.78 3.68 0.58
C8 8OG A 9 1.26 2.41 0.44
N7 8OG A 9 0.39 1.56 0.00
C5 8OG A 9 -0.76 2.31 -0.18
C6 8OG A 9 -2.05 1.91 -0.65
O6 8OG A 9 -2.42 0.80 -1.01
N1 8OG A 9 -2.93 2.99 -0.68
C2 8OG A 9 -2.61 4.28 -0.30
N2 8OG A 9 -3.59 5.16 -0.39
N3 8OG A 9 -1.41 4.64 0.14
C4 8OG A 9 -0.53 3.62 0.18
O8 8OG A 9 2.42 2.09 0.73
H5' 8OG A 9 -0.89 7.31 1.71
H5'' 8OG A 9 -0.54 7.35 3.44
H4' 8OG A 9 1.81 6.99 3.06
H3' 8OG A 9 1.46 8.11 0.49
H2' 8OG A 9 0.60 6.12 -0.45
H2'' 8OG A 9 2.22 5.36 -0.62
H1' 8OG A 9 2.52 4.60 1.32
H7 8OG A 9 0.55 0.51 -0.19
H1 8OG A 9 -3.86 2.79 -1.00
H21 8OG A 9 -4.50 4.89 -0.72
H22 8OG A 9 -3.42 6.12 -0.13
P 3ZO A 17 -0.27 -10.68 -2.54
C5' 3ZO A 17 1.79 -9.30 -1.67
O5' 3ZO A 17 0.44 -9.73 -1.46
C4' 3ZO A 17 2.09 -8.01 -0.91
O4' 3ZO A 17 1.27 -6.95 -1.41
C3' 3ZO A 17 1.84 -8.10 0.61
O3' 3ZO A 17 2.93 -7.50 1.30
C2' 3ZO A 17 0.57 -7.27 0.81
C1' 3ZO A 17 0.73 -6.25 -0.29
N1 3ZO A 17 -1.56 -1.77 -0.80
C2 3ZO A 17 -0.32 -2.08 -0.30
O2 3ZO A 17 0.36 -1.15 0.09
N3 3ZO A 17 0.15 -3.33 -0.22
C4 3ZO A 17 -0.74 -4.23 -0.67
C5 3ZO A 17 -1.99 -4.02 -1.18
C6 3ZO A 17 -2.48 -2.69 -1.27
O6 3ZO A 17 -3.57 -2.30 -1.70
N7 3ZO A 17 -2.59 -5.23 -1.52
C8 3ZO A 17 -1.67 -6.12 -1.22
N9 3ZO A 17 -0.52 -5.59 -0.71
OP1 3ZO A 17 0.47 -11.97 -2.60
OP2 3ZO A 17 -1.73 -10.70 -2.26
H5'' 3ZO A 17 2.47 -10.08 -1.32
H5' 3ZO A 17 1.95 -9.13 -2.73
H4' 3ZO A 17 3.14 -7.74 -1.07
H3' 3ZO A 17 1.68 -9.13 0.91
H2' 3ZO A 17 -0.30 -7.88 0.61
H2'' 3ZO A 17 0.48 -6.79 1.78
H1' 3ZO A 17 1.44 -5.48 0.03
H1 3ZO A 17 -1.84 -0.81 -0.84
H8 3ZO A 17 -1.82 -7.19 -1.37
P 8OG A 9 -2.21 9.74 2.03
OP1 8OG A 9 -2.90 9.77 0.72
OP2 8OG A 9 -2.84 9.05 3.17
O5' 8OG A 9 -0.75 9.09 1.81
C5' 8OG A 9 -0.59 7.66 1.78
C4' 8OG A 9 0.88 7.24 1.74
O4' 8OG A 9 0.97 5.82 1.92
C3' 8OG A 9 1.60 7.57 0.43
O3' 8OG A 9 2.98 7.85 0.72
C2' 8OG A 9 1.47 6.28 -0.36
C1' 8OG A 9 1.55 5.23 0.74
N9 8OG A 9 0.81 4.00 0.46
C8 8OG A 9 1.26 2.72 0.49
N7 8OG A 9 0.35 1.83 0.23
C5 8OG A 9 -0.79 2.56 0.00
C6 8OG A 9 -2.12 2.13 -0.34
O6 8OG A 9 -2.53 0.99 -0.51
N1 8OG A 9 -2.98 3.21 -0.48
C2 8OG A 9 -2.63 4.53 -0.32
N2 8OG A 9 -3.59 5.42 -0.51
N3 8OG A 9 -1.40 4.94 -0.01
C4 8OG A 9 -0.53 3.91 0.13
O8 8OG A 9 2.42 2.42 0.76
H5' 8OG A 9 -1.10 7.27 0.90
H5'' 8OG A 9 -1.05 7.24 2.67
H4' 8OG A 9 1.41 7.72 2.55
H3' 8OG A 9 1.12 8.39 -0.09
H2' 8OG A 9 0.49 6.24 -0.83
H2'' 8OG A 9 2.24 6.11 -1.11
H1' 8OG A 9 2.59 5.00 0.93
H7 8OG A 9 0.48 0.76 0.20
H1 8OG A 9 -3.93 2.99 -0.70
H21 8OG A 9 -4.52 5.12 -0.75
H22 8OG A 9 -3.38 6.41 -0.42
P 3ZO A 17 -0.14 -10.48 -2.49
C5' 3ZO A 17 1.91 -9.03 -1.66
O5' 3ZO A 17 0.54 -9.43 -1.48
C4' 3ZO A 17 2.22 -7.74 -0.91
O4' 3ZO A 17 1.39 -6.68 -1.38
C3' 3ZO A 17 2.00 -7.84 0.61
O3' 3ZO A 17 3.08 -7.18 1.29
C2' 3ZO A 17 0.72 -7.07 0.83
C1' 3ZO A 17 0.85 -6.01 -0.24
N1 3ZO A 17 -1.54 -1.56 -0.55
C2 3ZO A 17 -0.31 -1.85 -0.06
O2 3ZO A 17 0.35 -0.92 0.38
N3 3ZO A 17 0.20 -3.08 -0.03
C4 3ZO A 17 -0.65 -3.99 -0.53
C5 3ZO A 17 -1.90 -3.78 -1.05
C6 3ZO A 17 -2.43 -2.47 -1.08
O6 3ZO A 17 -3.51 -2.09 -1.51
N7 3ZO A 17 -2.45 -4.99 -1.48
C8 3ZO A 17 -1.53 -5.87 -1.20
N9 3ZO A 17 -0.40 -5.33 -0.63
OP1 3ZO A 17 0.67 -11.72 -2.49
OP2 3ZO A 17 -1.59 -10.56 -2.18
H5'' 3ZO A 17 2.56 -9.82 -1.30
H5' 3ZO A 17 2.09 -8.87 -2.73
H4' 3ZO A 17 3.26 -7.47 -1.10
H3' 3ZO A 17 1.90 -8.88 0.93
H2' 3ZO A 17 -0.14 -7.71 0.60
H2'' 3ZO A 17 0.61 -6.65 1.83
H1' 3ZO A 17 1.57 -5.25 0.10
H1 3ZO A 17 -1.86 -0.59 -0.53
H8 3ZO A 17 -1.65 -6.94 -1.40
P 8OG A 9 0.23 10.37 2.94
OP1 8OG A 9 -0.66 9.90 4.03
OP2 8OG A 9 1.69 10.44 3.16
O5' 8OG A 9 -0.03 9.45 1.64
C5' 8OG A 9 -0.20 8.04 1.76
C4' 8OG A 9 1.12 7.29 1.58
O4' 8OG A 9 0.89 5.88 1.74
C3' 8OG A 9 1.77 7.49 0.20
O3' 8OG A 9 3.19 7.64 0.37
C2' 8OG A 9 1.48 6.19 -0.52
C1' 8OG A 9 1.48 5.21 0.64
N9 8OG A 9 0.70 3.98 0.38
C8 8OG A 9 1.16 2.69 0.38
N7 8OG A 9 0.25 1.82 0.09
C5 8OG A 9 -0.90 2.56 -0.12
C6 8OG A 9 -2.22 2.15 -0.48
O6 8OG A 9 -2.62 1.00 -0.69
N1 8OG A 9 -3.08 3.22 -0.59
C2 8OG A 9 -2.73 4.54 -0.40
N2 8OG A 9 -3.69 5.43 -0.57
N3 8OG A 9 -1.49 4.94 -0.08
C4 8OG A 9 -0.64 3.90 0.05
O8 8OG A 9 2.32 2.38 0.63
H5' 8OG A 9 -0.90 7.70 1.00
H5'' 8OG A 9 -0.60 7.81 2.74
H4' 8OG A 9 1.81 7.62 2.35
H3' 8OG A 9 1.34 8.35 -0.31
H2' 8OG A 9 0.47 6.24 -0.95
H2'' 8OG A 9 2.13 5.59 -1.15
H1' 8OG A 9 2.51 4.95 0.87
H7 8OG A 9 0.36 0.75 0.05
H1 8OG A 9 -4.03 2.99 -0.82
H21 8OG A 9 -4.62 5.13 -0.82
H22 8OG A 9 -3.49 6.41 -0.44
P 3ZO A 17 -0.06 -10.47 -2.10
C5' 3ZO A 17 1.99 -8.98 -1.32
O5' 3ZO A 17 0.64 -9.41 -1.12
C4' 3ZO A 17 2.25 -7.61 -0.72
O4' 3ZO A 17 1.38 -6.64 -1.31
C3' 3ZO A 17 2.02 -7.56 0.80
O3' 3ZO A 17 3.10 -6.86 1.42
C2' 3ZO A 17 0.74 -6.77 0.95
C1' 3ZO A 17 0.85 -5.83 -0.25
N1 3ZO A 17 -1.49 -1.45 -1.14
C2 3ZO A 17 -0.20 -1.71 -0.78
O2 3ZO A 17 0.53 -0.74 -0.65
N3 3ZO A 17 0.29 -2.93 -0.59
C4 3ZO A 17 -0.64 -3.88 -0.80
C5 3ZO A 17 -1.95 -3.72 -1.17
C6 3ZO A 17 -2.47 -2.41 -1.37
O6 3ZO A 17 -3.60 -2.07 -1.69
N7 3ZO A 17 -2.57 -4.96 -1.29
C8 3ZO A 17 -1.63 -5.81 -1.00
N9 3ZO A 17 -0.42 -5.22 -0.68
OP1 3ZO A 17 0.76 -11.70 -2.10
OP2 3ZO A 17 -1.50 -10.55 -1.78
H5'' 3ZO A 17 2.66 -9.71 -0.88
H5' 3ZO A 17 2.18 -8.94 -2.40
H4' 3ZO A 17 3.28 -7.32 -0.92
H3' 3ZO A 17 1.91 -8.57 1.21
H2' 3ZO A 17 -0.12 -7.43 0.80
H2'' 3ZO A 17 0.63 -6.19 1.87
H1' 3ZO A 17 1.57 -5.05 0.00
H1 3ZO A 17 -1.79 -0.49 -1.25
H8 3ZO A 17 -1.77 -6.90 -1.03
P 8OG A 9 1.06 10.77 3.25
OP1 8OG A 9 0.77 12.19 3.53
OP2 8OG A 9 1.31 9.84 4.39
O5' 8OG A 9 -0.13 10.16 2.35
C5' 8OG A 9 -0.42 8.76 2.36
C4' 8OG A 9 0.71 7.93 1.75
O4' 8OG A 9 0.37 6.54 1.78
C3' 8OG A 9 1.02 8.27 0.28
O3' 8OG A 9 2.37 8.75 0.21
C2' 8OG A 9 0.89 6.95 -0.47
C1' 8OG A 9 0.99 5.93 0.65
N9 8OG A 9 0.29 4.66 0.38
C8 8OG A 9 0.78 3.39 0.47
N7 8OG A 9 -0.08 2.48 0.19
C5 8OG A 9 -1.25 3.18 -0.12
C6 8OG A 9 -2.52 2.71 -0.50
O6 8OG A 9 -2.89 1.55 -0.67
N1 8OG A 9 -3.41 3.75 -0.71
C2 8OG A 9 -3.10 5.08 -0.56
N2 8OG A 9 -4.08 5.93 -0.79
N3 8OG A 9 -1.90 5.53 -0.21
C4 8OG A 9 -1.02 4.53 0.00
O8 8OG A 9 1.94 3.13 0.77
H5' 8OG A 9 -1.34 8.59 1.79
H5'' 8OG A 9 -0.59 8.43 3.39
H4' 8OG A 9 1.61 8.08 2.34
H3' 8OG A 9 0.31 9.00 -0.10
H2' 8OG A 9 -0.10 6.89 -0.93
H2'' 8OG A 9 1.58 6.30 -0.99
H1' 8OG A 9 2.04 5.74 0.87
H7 8OG A 9 0.06 1.40 0.20
H1 8OG A 9 -4.33 3.49 -0.97
H21 8OG A 9 -4.99 5.59 -1.06
H22 8OG A 9 -3.93 6.92 -0.71
P 3ZO A 17 0.82 -9.97 -2.65
C5' 3ZO A 17 2.44 -7.94 -2.13
O5' 3ZO A 17 1.22 -8.64 -1.83
C4' 3ZO A 17 2.51 -6.59 -1.42
O4' 3ZO A 17 1.50 -5.70 -1.91
C3' 3ZO A 17 2.33 -6.67 0.10
O3' 3ZO A 17 3.34 -5.86 0.74
C2' 3ZO A 17 0.96 -6.04 0.33
C1' 3ZO A 17 0.96 -5.02 -0.78
N1 3ZO A 17 -1.68 -0.75 -1.31
C2 3ZO A 17 -0.35 -0.94 -1.02
O2 3ZO A 17 0.32 0.08 -0.88
N3 3ZO A 17 0.22 -2.13 -0.93
C4 3ZO A 17 -0.65 -3.13 -1.15
C5 3ZO A 17 -1.99 -3.03 -1.44
C6 3ZO A 17 -2.59 -1.75 -1.55
O6 3ZO A 17 -3.76 -1.48 -1.80
N7 3ZO A 17 -2.54 -4.31 -1.60
C8 3ZO A 17 -1.53 -5.11 -1.39
N9 3ZO A 17 -0.36 -4.46 -1.12
OP1 3ZO A 17 2.04 -10.81 -2.78
OP2 3ZO A 17 -0.41 -10.54 -2.06
H5'' 3ZO A 17 3.28 -8.54 -1.84
H5' 3ZO A 17 2.48 -7.77 -3.21
H4' 3ZO A 17 3.48 -6.14 -1.63
H3' 3ZO A 17 2.36 -7.69 0.45
H2' 3ZO A 17 0.18 -6.79 0.12
H2'' 3ZO A 17 0.64 -5.37 1.13
H1' 3ZO A 17 1.64 -4.21 -0.51
H1 3ZO A 17 -2.03 0.19 -1.35
H8 3ZO A 17 -1.61 -6.19 -1.46
P 8OG A 9 -0.35 10.17 3.52
OP1 8OG A 9 -1.33 9.72 4.53
OP2 8OG A 9 1.10 10.14 3.82
O5' 8OG A 9 -0.60 9.31 2.17
C5' 8OG A 9 -0.74 7.89 2.21
C4' 8OG A 9 0.61 7.18 2.34
O4' 8OG A 9 0.42 5.76 2.32
C3' 8OG A 9 1.59 7.50 1.20
O3' 8OG A 9 2.92 7.58 1.74
C2' 8OG A 9 1.47 6.31 0.29
C1' 8OG A 9 1.26 5.21 1.31
N9 8OG A 9 0.63 3.98 0.78
C8 8OG A 9 1.18 2.73 0.67
N7 8OG A 9 0.38 1.87 0.12
C5 8OG A 9 -0.77 2.58 -0.16
C6 8OG A 9 -1.99 2.16 -0.76
O6 8OG A 9 -2.30 1.04 -1.16
N1 8OG A 9 -2.90 3.20 -0.86
C2 8OG A 9 -2.67 4.48 -0.43
N2 8OG A 9 -3.67 5.33 -0.60
N3 8OG A 9 -1.54 4.89 0.13
C4 8OG A 9 -0.63 3.89 0.23
O8 8OG A 9 2.30 2.45 1.07
H5' 8OG A 9 -1.23 7.56 1.29
H5'' 8OG A 9 -1.37 7.61 3.05
H4' 8OG A 9 1.06 7.46 3.29
H3' 8OG A 9 1.31 8.42 0.70
H2' 8OG A 9 0.58 6.41 -0.33
H2'' 8OG A 9 2.26 5.79 -0.28
H1' 8OG A 9 2.24 4.95 1.75
H7 8OG A 9 0.58 0.82 -0.07
H1 8OG A 9 -3.79 2.97 -1.26
H21 8OG A 9 -4.53 5.03 -1.03
H22 8OG A 9 -3.56 6.30 -0.32
P 3ZO A 17 0.16 -10.48 -2.60
C5' 3ZO A 17 1.92 -8.83 -1.48
O5' 3ZO A 17 0.59 -9.37 -1.51
C4' 3ZO A 17 2.06 -7.69 -0.48
O4' 3ZO A 17 1.29 -6.57 -0.92
C3' 3ZO A 17 1.56 -8.03 0.94
O3' 3ZO A 17 2.47 -7.51 1.92
C2' 3ZO A 17 0.23 -7.28 1.05
C1' 3ZO A 17 0.54 -6.07 0.19
N1 3ZO A 17 -1.44 -1.52 -0.87
C2 3ZO A 17 -0.24 -1.84 -0.29
O2 3ZO A 17 0.47 -0.90 0.02
N3 3ZO A 17 0.15 -3.10 -0.06
C4 3ZO A 17 -0.76 -4.00 -0.45
C5 3ZO A 17 -1.99 -3.77 -1.03
C6 3ZO A 17 -2.40 -2.43 -1.28
O6 3ZO A 17 -3.45 -2.03 -1.77
N7 3ZO A 17 -2.63 -4.97 -1.28
C8 3ZO A 17 -1.80 -5.87 -0.86
N9 3ZO A 17 -0.64 -5.35 -0.34
OP1 3ZO A 17 1.30 -11.40 -2.82
OP2 3ZO A 17 -1.16 -11.03 -2.20
H5'' 3ZO A 17 2.62 -9.63 -1.20
H5' 3ZO A 17 2.18 -8.47 -2.47
H4' 3ZO A 17 3.09 -7.39 -0.42
H3' 3ZO A 17 1.42 -9.11 1.06
H2' 3ZO A 17 -0.55 -7.87 0.58
H2'' 3ZO A 17 -0.07 -6.98 2.06
H1' 3ZO A 17 1.16 -5.37 0.75
H1 3ZO A 17 -1.67 -0.55 -1.03
H8 3ZO A 17 -2.00 -6.94 -0.90
P 8OG A 9 1.14 10.15 3.79
OP1 8OG A 9 0.70 9.30 4.91
OP2 8OG A 9 2.41 10.91 3.89
O5' 8OG A 9 1.20 9.24 2.46
C5' 8OG A 9 0.78 7.87 2.47
C4' 8OG A 9 1.83 6.99 1.83
O4' 8OG A 9 1.34 5.65 1.74
C3' 8OG A 9 2.23 7.41 0.40
O3' 8OG A 9 3.66 7.60 0.35
C2' 8OG A 9 1.84 6.21 -0.48
C1' 8OG A 9 1.89 5.09 0.55
N9 8OG A 9 1.13 3.89 0.19
C8 8OG A 9 1.59 2.60 0.09
N7 8OG A 9 0.67 1.74 -0.23
C5 8OG A 9 -0.48 2.50 -0.34
C6 8OG A 9 -1.81 2.09 -0.68
O6 8OG A 9 -2.23 0.97 -0.93
N1 8OG A 9 -2.68 3.18 -0.69
C2 8OG A 9 -2.33 4.47 -0.43
N2 8OG A 9 -3.29 5.37 -0.51
N3 8OG A 9 -1.09 4.86 -0.12
C4 8OG A 9 -0.22 3.82 -0.09
O8 8OG A 9 2.76 2.29 0.29
H5' 8OG A 9 -0.16 7.79 1.92
H5'' 8OG A 9 0.63 7.55 3.50
H4' 8OG A 9 2.72 6.99 2.45
H3' 8OG A 9 1.70 8.30 0.09
H2' 8OG A 9 0.80 6.34 -0.81
H2'' 8OG A 9 2.43 5.70 -1.22
H1' 8OG A 9 2.93 4.83 0.73
H7 8OG A 9 0.79 0.67 -0.38
H1 8OG A 9 -3.64 2.97 -0.92
H21 8OG A 9 -4.24 5.09 -0.74
H22 8OG A 9 -3.09 6.34 -0.33
P 3ZO A 17 -0.21 -10.53 -2.09
C5' 3ZO A 17 1.84 -9.03 -1.44
O5' 3ZO A 17 0.49 -9.40 -1.19
C4' 3ZO A 17 2.24 -7.79 -0.64
O4' 3ZO A 17 1.48 -6.67 -1.08
C3' 3ZO A 17 2.03 -7.92 0.87
O3' 3ZO A 17 3.13 -7.32 1.55
C2' 3ZO A 17 0.76 -7.13 1.11
C1' 3ZO A 17 0.92 -6.03 0.07
N1 3ZO A 17 -1.38 -1.57 -0.49
C2 3ZO A 17 -0.12 -1.88 -0.02
O2 3ZO A 17 0.58 -0.93 0.28
N3 3ZO A 17 0.36 -3.11 0.09
C4 3ZO A 17 -0.54 -4.03 -0.31
C5 3ZO A 17 -1.81 -3.82 -0.79
C6 3ZO A 17 -2.31 -2.50 -0.90
O6 3ZO A 17 -3.40 -2.12 -1.32
N7 3ZO A 17 -2.42 -5.04 -1.10
C8 3ZO A 17 -1.51 -5.93 -0.81
N9 3ZO A 17 -0.33 -5.38 -0.32
OP1 3ZO A 17 0.66 -11.74 -2.07
OP2 3ZO A 17 -1.63 -10.64 -1.71
H5'' 3ZO A 17 2.50 -9.86 -1.15
H5' 3ZO A 17 1.97 -8.82 -2.50
H4' 3ZO A 17 3.30 -7.58 -0.82
H3' 3ZO A 17 1.90 -8.97 1.16
H2' 3ZO A 17 -0.11 -7.75 0.85
H2'' 3ZO A 17 0.67 -6.73 2.12
H1' 3ZO A 17 1.62 -5.29 0.46
H1 3ZO A 17 -1.66 -0.61 -0.54
H8 3ZO A 17 -1.65 -7.01 -0.94
P 8OG A 9 1.72 10.03 3.69
OP1 8OG A 9 1.47 11.40 4.17
OP2 8OG A 9 2.03 8.96 4.66
O5' 8OG A 9 0.45 9.56 2.80
C5' 8OG A 9 0.14 8.17 2.62
C4' 8OG A 9 1.16 7.46 1.74
O4' 8OG A 9 0.86 6.07 1.68
C3' 8OG A 9 1.20 7.97 0.29
O3' 8OG A 9 2.51 8.50 0.03
C2' 8OG A 9 0.97 6.72 -0.57
C1' 8OG A 9 1.29 5.60 0.41
N9 8OG A 9 0.61 4.33 0.14
C8 8OG A 9 1.16 3.07 0.14
N7 8OG A 9 0.30 2.14 -0.10
C5 8OG A 9 -0.90 2.79 -0.29
C6 8OG A 9 -2.19 2.28 -0.59
O6 8OG A 9 -2.52 1.12 -0.77
N1 8OG A 9 -3.13 3.29 -0.69
C2 8OG A 9 -2.87 4.63 -0.53
N2 8OG A 9 -3.92 5.43 -0.66
N3 8OG A 9 -1.67 5.12 -0.25
C4 8OG A 9 -0.73 4.15 -0.15
O8 8OG A 9 2.34 2.86 0.36
H5' 8OG A 9 -0.85 8.07 2.16
H5'' 8OG A 9 0.11 7.68 3.60
H4' 8OG A 9 2.14 7.58 2.19
H3' 8OG A 9 0.43 8.71 0.12
H2' 8OG A 9 -0.08 6.67 -0.85
H2'' 8OG A 9 1.60 6.19 -1.29
H1' 8OG A 9 2.37 5.45 0.42
H7 8OG A 9 0.49 1.08 -0.13
H1 8OG A 9 -4.07 2.99 -0.90
H21 8OG A 9 -4.83 5.06 -0.87
H22 8OG A 9 -3.79 6.42 -0.56
P 3ZO A 17 0.32 -10.26 -2.28
C5' 3ZO A 17 2.26 -8.56 -1.61
O5' 3ZO A 17 0.92 -9.04 -1.40
C4' 3ZO A 17 2.51 -7.25 -0.86
O4' 3ZO A 17 1.62 -6.24 -1.34
C3' 3ZO A 17 2.31 -7.34 0.66
O3' 3ZO A 17 3.37 -6.64 1.32
C2' 3ZO A 17 1.00 -6.59 0.89
C1' 3ZO A 17 1.08 -5.56 -0.21
N1 3ZO A 17 -1.36 -1.24 -1.17
C2 3ZO A 17 -0.04 -1.46 -0.83
O2 3ZO A 17 0.65 -0.47 -0.75
N3 3ZO A 17 0.47 -2.66 -0.61
C4 3ZO A 17 -0.45 -3.64 -0.76
C5 3ZO A 17 -1.76 -3.52 -1.10
C6 3ZO A 17 -2.31 -2.22 -1.34
O6 3ZO A 17 -3.45 -1.92 -1.65
N7 3ZO A 17 -2.37 -4.76 -1.15
C8 3ZO A 17 -1.41 -5.59 -0.85
N9 3ZO A 17 -0.21 -4.96 -0.60
OP1 3ZO A 17 1.41 -11.25 -2.51
OP2 3ZO A 17 -0.95 -10.69 -1.65
H5'' 3ZO A 17 2.96 -9.31 -1.26
H5' 3ZO A 17 2.42 -8.40 -2.68
H4' 3ZO A 17 3.53 -6.92 -1.05
H3' 3ZO A 17 2.23 -8.38 0.98
H2' 3ZO A 17 0.17 -7.27 0.69
H2'' 3ZO A 17 0.90 -6.16 1.89
H1' 3ZO A 17 1.77 -4.77 0.09
H1 3ZO A 17 -1.67 -0.29 -1.31
H8 3ZO A 17 -1.53 -6.66 -0.83
#